data_2C4Y
#
_entry.id   2C4Y
#
_cell.length_a   288.000
_cell.length_b   288.000
_cell.length_c   653.000
_cell.angle_alpha   90.00
_cell.angle_beta   90.00
_cell.angle_gamma   120.00
#
_symmetry.space_group_name_H-M   'H 3 2'
#
loop_
_entity.id
_entity.type
_entity.pdbx_description
1 polymer 'Capsid protein'
2 polymer "5'-R(*AP*CP*AP*UP*GP*AP*GP*GP*AP*UP *SUR*AP*CP*CP*CP*AP*UP*GP*U)-3'"
3 water water
#
loop_
_entity_poly.entity_id
_entity_poly.type
_entity_poly.pdbx_seq_one_letter_code
_entity_poly.pdbx_strand_id
1 'polypeptide(L)'
;ASNFTQFVLVDNGGTGDVTVAPSNFANGVAEWISSNSRSQAYKVTCSVRQSSAQNRKYTIKVEVPKVATQTVGGVELPVA
AWRSYLNMELTIPIFATNSDCELIVKAMQGLLKDGNPIPSAIAANSGIY
;
A,B,C
2 'polyribonucleotide' ACAUGAGGAU(SUR)ACCCAUGU R,S
#
# COMPACT_ATOMS: atom_id res chain seq x y z
N ALA A 1 -9.03 -9.21 13.98
CA ALA A 1 -8.93 -8.44 12.69
C ALA A 1 -7.49 -8.02 12.32
N SER A 2 -7.42 -7.13 11.34
CA SER A 2 -6.19 -6.58 10.77
C SER A 2 -6.67 -6.40 9.35
N ASN A 3 -6.65 -5.17 8.86
CA ASN A 3 -7.11 -4.96 7.52
C ASN A 3 -6.00 -5.09 6.49
N PHE A 4 -4.77 -5.32 6.94
CA PHE A 4 -3.65 -5.46 6.02
C PHE A 4 -3.68 -6.85 5.40
N THR A 5 -4.62 -7.04 4.48
CA THR A 5 -4.80 -8.33 3.83
C THR A 5 -4.70 -8.20 2.30
N GLN A 6 -4.59 -9.32 1.61
CA GLN A 6 -4.50 -9.28 0.16
C GLN A 6 -5.90 -9.10 -0.41
N PHE A 7 -5.97 -8.61 -1.63
CA PHE A 7 -7.26 -8.40 -2.26
C PHE A 7 -7.13 -8.39 -3.77
N VAL A 8 -8.26 -8.51 -4.45
CA VAL A 8 -8.28 -8.51 -5.90
C VAL A 8 -8.34 -7.08 -6.41
N LEU A 9 -7.26 -6.64 -7.06
CA LEU A 9 -7.18 -5.29 -7.61
C LEU A 9 -7.94 -5.22 -8.94
N VAL A 10 -7.66 -6.16 -9.83
CA VAL A 10 -8.32 -6.21 -11.12
C VAL A 10 -9.12 -7.49 -11.18
N ASP A 11 -10.44 -7.34 -11.30
CA ASP A 11 -11.33 -8.49 -11.37
C ASP A 11 -11.71 -8.87 -12.81
N ASN A 12 -11.37 -10.10 -13.17
CA ASN A 12 -11.69 -10.64 -14.50
C ASN A 12 -12.40 -11.98 -14.32
N GLY A 13 -13.41 -11.98 -13.45
CA GLY A 13 -14.16 -13.19 -13.18
C GLY A 13 -13.25 -14.38 -12.89
N GLY A 14 -12.59 -14.35 -11.73
CA GLY A 14 -11.68 -15.42 -11.32
C GLY A 14 -10.72 -16.05 -12.33
N THR A 15 -10.47 -15.41 -13.46
CA THR A 15 -9.55 -15.98 -14.46
C THR A 15 -8.69 -14.89 -15.11
N GLY A 16 -7.48 -14.73 -14.58
CA GLY A 16 -6.59 -13.69 -15.08
C GLY A 16 -6.77 -12.49 -14.16
N ASP A 17 -7.28 -12.77 -12.96
CA ASP A 17 -7.52 -11.74 -11.95
C ASP A 17 -6.20 -11.26 -11.36
N VAL A 18 -6.03 -9.95 -11.30
CA VAL A 18 -4.81 -9.41 -10.72
C VAL A 18 -5.06 -9.23 -9.22
N THR A 19 -4.47 -10.11 -8.43
CA THR A 19 -4.61 -10.06 -6.99
C THR A 19 -3.30 -9.49 -6.42
N VAL A 20 -3.45 -8.65 -5.41
CA VAL A 20 -2.33 -7.96 -4.80
C VAL A 20 -2.21 -8.32 -3.31
N ALA A 21 -0.98 -8.49 -2.81
CA ALA A 21 -0.77 -8.88 -1.41
C ALA A 21 0.19 -8.01 -0.61
N PRO A 22 0.03 -7.98 0.73
CA PRO A 22 0.86 -7.20 1.64
C PRO A 22 2.32 -7.55 1.43
N SER A 23 3.15 -6.53 1.19
CA SER A 23 4.56 -6.77 0.95
C SER A 23 5.51 -5.92 1.79
N ASN A 24 5.01 -4.87 2.43
CA ASN A 24 5.89 -4.04 3.23
C ASN A 24 5.12 -2.99 4.00
N PHE A 25 5.59 -2.66 5.20
CA PHE A 25 4.94 -1.66 6.02
C PHE A 25 5.98 -0.71 6.61
N ALA A 26 7.18 -0.74 6.03
CA ALA A 26 8.27 0.11 6.51
C ALA A 26 7.95 1.60 6.34
N ASN A 27 8.25 2.36 7.39
CA ASN A 27 8.04 3.80 7.43
C ASN A 27 6.58 4.25 7.36
N GLY A 28 5.70 3.43 7.94
CA GLY A 28 4.29 3.77 7.96
C GLY A 28 3.61 3.76 6.60
N VAL A 29 4.25 3.18 5.60
CA VAL A 29 3.63 3.10 4.29
C VAL A 29 3.29 1.65 4.01
N ALA A 30 1.99 1.35 3.97
CA ALA A 30 1.54 0.00 3.70
C ALA A 30 1.68 -0.23 2.19
N GLU A 31 2.28 -1.36 1.82
CA GLU A 31 2.50 -1.69 0.42
C GLU A 31 1.93 -3.05 0.05
N TRP A 32 1.44 -3.15 -1.17
CA TRP A 32 0.89 -4.39 -1.72
C TRP A 32 1.49 -4.54 -3.10
N ILE A 33 1.81 -5.76 -3.51
CA ILE A 33 2.34 -5.98 -4.85
C ILE A 33 1.77 -7.28 -5.38
N SER A 34 1.82 -7.47 -6.69
CA SER A 34 1.32 -8.70 -7.30
C SER A 34 2.46 -9.69 -7.42
N SER A 35 2.14 -10.97 -7.59
CA SER A 35 3.15 -12.02 -7.73
C SER A 35 3.88 -11.84 -9.02
N ASN A 36 4.90 -10.99 -9.01
CA ASN A 36 5.67 -10.70 -10.20
C ASN A 36 7.05 -10.29 -9.79
N SER A 37 7.91 -10.08 -10.77
CA SER A 37 9.23 -9.61 -10.47
C SER A 37 8.92 -8.16 -10.11
N ARG A 38 9.64 -7.64 -9.14
CA ARG A 38 9.47 -6.28 -8.67
C ARG A 38 9.43 -5.29 -9.84
N SER A 39 9.99 -5.67 -10.98
CA SER A 39 10.01 -4.79 -12.15
C SER A 39 8.72 -4.82 -12.98
N GLN A 40 7.91 -5.86 -12.82
CA GLN A 40 6.68 -5.97 -13.58
C GLN A 40 5.43 -6.00 -12.70
N ALA A 41 5.61 -5.74 -11.41
CA ALA A 41 4.49 -5.83 -10.50
C ALA A 41 3.55 -4.64 -10.39
N TYR A 42 2.30 -4.96 -10.03
CA TYR A 42 1.29 -3.94 -9.79
C TYR A 42 1.64 -3.52 -8.37
N LYS A 43 1.55 -2.24 -8.08
CA LYS A 43 1.91 -1.77 -6.77
C LYS A 43 0.84 -0.85 -6.18
N VAL A 44 0.54 -1.04 -4.91
CA VAL A 44 -0.43 -0.22 -4.22
C VAL A 44 0.14 0.21 -2.88
N THR A 45 0.12 1.51 -2.59
CA THR A 45 0.63 1.99 -1.32
C THR A 45 -0.40 2.88 -0.64
N CYS A 46 -0.38 2.88 0.68
CA CYS A 46 -1.30 3.68 1.46
C CYS A 46 -0.67 4.17 2.75
N SER A 47 -1.02 5.39 3.14
CA SER A 47 -0.52 5.95 4.39
C SER A 47 -1.48 7.02 4.90
N VAL A 48 -1.58 7.13 6.22
CA VAL A 48 -2.46 8.12 6.85
C VAL A 48 -1.59 9.01 7.70
N ARG A 49 -1.91 10.29 7.73
CA ARG A 49 -1.15 11.24 8.51
C ARG A 49 -2.07 12.33 9.07
N GLN A 50 -1.74 12.88 10.24
CA GLN A 50 -2.55 13.95 10.80
C GLN A 50 -1.97 15.26 10.25
N SER A 51 -2.24 15.48 8.96
CA SER A 51 -1.78 16.64 8.17
C SER A 51 -1.89 18.02 8.86
N SER A 52 -2.87 18.16 9.74
CA SER A 52 -3.09 19.40 10.45
C SER A 52 -3.59 19.07 11.84
N ALA A 53 -3.84 20.11 12.62
CA ALA A 53 -4.35 19.94 13.95
C ALA A 53 -5.76 19.30 13.82
N GLN A 54 -6.53 19.74 12.82
CA GLN A 54 -7.88 19.25 12.65
C GLN A 54 -8.20 18.44 11.40
N ASN A 55 -7.18 17.84 10.81
CA ASN A 55 -7.33 17.03 9.61
C ASN A 55 -6.51 15.76 9.61
N ARG A 56 -6.97 14.81 8.80
CA ARG A 56 -6.28 13.56 8.62
C ARG A 56 -6.27 13.39 7.11
N LYS A 57 -5.12 13.01 6.57
CA LYS A 57 -4.98 12.85 5.15
C LYS A 57 -4.50 11.47 4.73
N TYR A 58 -5.27 10.83 3.86
CA TYR A 58 -4.91 9.52 3.34
C TYR A 58 -4.22 9.76 2.01
N THR A 59 -3.11 9.08 1.78
CA THR A 59 -2.37 9.19 0.52
C THR A 59 -2.31 7.80 -0.06
N ILE A 60 -2.95 7.63 -1.22
CA ILE A 60 -3.02 6.34 -1.88
C ILE A 60 -2.40 6.41 -3.28
N LYS A 61 -1.63 5.39 -3.64
CA LYS A 61 -1.00 5.32 -4.95
C LYS A 61 -1.11 3.93 -5.55
N VAL A 62 -1.45 3.88 -6.83
CA VAL A 62 -1.57 2.63 -7.55
C VAL A 62 -0.74 2.72 -8.82
N GLU A 63 -0.04 1.64 -9.13
CA GLU A 63 0.81 1.56 -10.33
C GLU A 63 0.35 0.41 -11.21
N VAL A 64 -0.10 0.73 -12.43
CA VAL A 64 -0.54 -0.31 -13.35
C VAL A 64 0.53 -0.45 -14.45
N PRO A 65 1.15 -1.63 -14.55
CA PRO A 65 2.18 -1.81 -15.57
C PRO A 65 1.74 -2.47 -16.87
N LYS A 66 2.48 -2.16 -17.92
CA LYS A 66 2.27 -2.75 -19.23
C LYS A 66 3.49 -3.66 -19.35
N VAL A 67 3.31 -4.93 -19.01
CA VAL A 67 4.40 -5.91 -19.05
C VAL A 67 4.93 -6.21 -20.44
N ALA A 68 6.25 -6.38 -20.51
CA ALA A 68 6.94 -6.67 -21.76
C ALA A 68 8.25 -7.38 -21.48
N THR A 69 8.85 -7.94 -22.53
CA THR A 69 10.14 -8.63 -22.42
C THR A 69 11.16 -7.83 -23.24
N GLN A 70 12.16 -7.28 -22.58
CA GLN A 70 13.15 -6.50 -23.29
C GLN A 70 14.51 -7.16 -23.42
N THR A 71 15.11 -7.05 -24.61
CA THR A 71 16.42 -7.62 -24.89
C THR A 71 17.52 -6.58 -24.70
N VAL A 72 18.18 -6.61 -23.54
CA VAL A 72 19.25 -5.68 -23.22
C VAL A 72 20.58 -6.43 -23.24
N GLY A 73 21.55 -5.89 -23.97
CA GLY A 73 22.85 -6.55 -24.05
C GLY A 73 22.68 -7.95 -24.62
N GLY A 74 21.74 -8.10 -25.55
CA GLY A 74 21.48 -9.38 -26.17
C GLY A 74 20.89 -10.38 -25.20
N VAL A 75 20.25 -9.87 -24.15
CA VAL A 75 19.63 -10.72 -23.11
C VAL A 75 18.20 -10.29 -22.74
N GLU A 76 17.31 -11.27 -22.64
CA GLU A 76 15.91 -11.04 -22.30
C GLU A 76 15.64 -10.83 -20.80
N LEU A 77 14.93 -9.75 -20.47
CA LEU A 77 14.59 -9.42 -19.09
C LEU A 77 13.12 -9.05 -19.00
N PRO A 78 12.45 -9.46 -17.90
CA PRO A 78 11.04 -9.14 -17.69
C PRO A 78 11.02 -7.67 -17.27
N VAL A 79 10.22 -6.86 -17.95
CA VAL A 79 10.19 -5.44 -17.63
C VAL A 79 8.83 -4.80 -17.91
N ALA A 80 8.73 -3.48 -17.73
CA ALA A 80 7.48 -2.78 -18.00
C ALA A 80 7.68 -1.75 -19.11
N ALA A 81 6.91 -1.91 -20.19
CA ALA A 81 6.99 -1.01 -21.34
C ALA A 81 6.74 0.41 -20.83
N TRP A 82 5.74 0.54 -19.96
CA TRP A 82 5.40 1.81 -19.33
C TRP A 82 4.48 1.51 -18.15
N ARG A 83 4.22 2.55 -17.35
CA ARG A 83 3.37 2.44 -16.18
C ARG A 83 2.37 3.57 -16.12
N SER A 84 1.20 3.25 -15.58
CA SER A 84 0.15 4.23 -15.41
C SER A 84 0.13 4.52 -13.91
N TYR A 85 -0.02 5.79 -13.53
CA TYR A 85 -0.01 6.15 -12.13
C TYR A 85 -1.26 6.83 -11.60
N LEU A 86 -1.78 6.30 -10.49
CA LEU A 86 -2.95 6.88 -9.83
C LEU A 86 -2.46 7.43 -8.50
N ASN A 87 -2.67 8.72 -8.28
CA ASN A 87 -2.27 9.36 -7.04
C ASN A 87 -3.49 10.04 -6.46
N MET A 88 -3.92 9.57 -5.29
CA MET A 88 -5.05 10.21 -4.65
C MET A 88 -4.82 10.60 -3.20
N GLU A 89 -5.29 11.79 -2.84
CA GLU A 89 -5.19 12.31 -1.49
C GLU A 89 -6.58 12.64 -1.00
N LEU A 90 -6.90 12.14 0.18
CA LEU A 90 -8.20 12.35 0.77
C LEU A 90 -8.07 13.03 2.12
N THR A 91 -8.62 14.23 2.25
CA THR A 91 -8.54 14.95 3.52
C THR A 91 -9.89 14.91 4.23
N ILE A 92 -9.88 14.35 5.44
CA ILE A 92 -11.09 14.22 6.23
C ILE A 92 -10.95 14.96 7.55
N PRO A 93 -11.93 15.82 7.88
CA PRO A 93 -11.86 16.55 9.15
C PRO A 93 -12.00 15.58 10.32
N ILE A 94 -11.34 15.87 11.45
CA ILE A 94 -11.40 14.98 12.61
C ILE A 94 -12.80 14.84 13.17
N PHE A 95 -13.70 15.73 12.76
CA PHE A 95 -15.07 15.71 13.25
C PHE A 95 -15.97 14.74 12.53
N ALA A 96 -15.49 14.16 11.44
CA ALA A 96 -16.28 13.19 10.70
C ALA A 96 -16.42 11.89 11.48
N THR A 97 -17.66 11.43 11.61
CA THR A 97 -17.96 10.20 12.32
C THR A 97 -17.81 9.04 11.36
N ASN A 98 -18.00 7.81 11.83
CA ASN A 98 -17.86 6.66 10.96
C ASN A 98 -18.86 6.68 9.83
N SER A 99 -20.09 7.14 10.12
CA SER A 99 -21.10 7.21 9.09
C SER A 99 -20.75 8.30 8.08
N ASP A 100 -20.05 9.33 8.53
CA ASP A 100 -19.64 10.41 7.62
C ASP A 100 -18.60 9.84 6.68
N CYS A 101 -17.74 8.99 7.21
CA CYS A 101 -16.68 8.38 6.41
C CYS A 101 -17.21 7.33 5.45
N GLU A 102 -18.27 6.64 5.84
CA GLU A 102 -18.88 5.63 4.99
C GLU A 102 -19.45 6.32 3.75
N LEU A 103 -19.90 7.55 3.96
CA LEU A 103 -20.48 8.37 2.93
C LEU A 103 -19.44 8.74 1.89
N ILE A 104 -18.21 8.99 2.35
CA ILE A 104 -17.11 9.33 1.47
C ILE A 104 -16.76 8.13 0.61
N VAL A 105 -16.71 6.95 1.24
CA VAL A 105 -16.38 5.74 0.52
C VAL A 105 -17.40 5.46 -0.57
N LYS A 106 -18.67 5.60 -0.25
CA LYS A 106 -19.73 5.37 -1.23
C LYS A 106 -19.64 6.34 -2.39
N ALA A 107 -19.25 7.58 -2.12
CA ALA A 107 -19.13 8.60 -3.15
C ALA A 107 -18.04 8.19 -4.14
N MET A 108 -16.93 7.67 -3.62
CA MET A 108 -15.83 7.24 -4.47
C MET A 108 -16.19 6.01 -5.28
N GLN A 109 -17.04 5.16 -4.73
CA GLN A 109 -17.45 3.96 -5.45
C GLN A 109 -18.42 4.32 -6.55
N GLY A 110 -19.32 5.25 -6.25
CA GLY A 110 -20.30 5.66 -7.25
C GLY A 110 -19.63 6.43 -8.36
N LEU A 111 -18.58 7.14 -8.02
CA LEU A 111 -17.83 7.93 -8.98
C LEU A 111 -17.24 7.07 -10.10
N LEU A 112 -16.72 5.91 -9.72
CA LEU A 112 -16.07 5.00 -10.66
C LEU A 112 -16.90 3.83 -11.17
N LYS A 113 -18.18 3.81 -10.83
CA LYS A 113 -19.04 2.73 -11.26
C LYS A 113 -19.24 2.66 -12.77
N ASP A 114 -19.21 1.46 -13.33
CA ASP A 114 -19.41 1.25 -14.76
C ASP A 114 -20.60 2.00 -15.31
N GLY A 115 -20.40 2.68 -16.42
CA GLY A 115 -21.49 3.40 -17.04
C GLY A 115 -21.56 4.85 -16.66
N ASN A 116 -20.95 5.23 -15.54
CA ASN A 116 -21.00 6.61 -15.14
C ASN A 116 -20.01 7.44 -15.98
N PRO A 117 -20.24 8.74 -16.08
CA PRO A 117 -19.41 9.67 -16.85
C PRO A 117 -17.89 9.46 -16.86
N ILE A 118 -17.26 9.66 -15.72
CA ILE A 118 -15.80 9.55 -15.63
C ILE A 118 -15.17 8.23 -16.06
N PRO A 119 -15.60 7.09 -15.48
CA PRO A 119 -14.94 5.88 -15.97
C PRO A 119 -15.16 5.66 -17.47
N SER A 120 -16.26 6.18 -17.98
CA SER A 120 -16.60 6.05 -19.39
C SER A 120 -15.64 6.83 -20.27
N ALA A 121 -15.34 8.05 -19.85
CA ALA A 121 -14.43 8.90 -20.59
C ALA A 121 -13.04 8.29 -20.58
N ILE A 122 -12.56 7.94 -19.40
CA ILE A 122 -11.23 7.36 -19.25
C ILE A 122 -11.02 6.14 -20.16
N ALA A 123 -11.98 5.23 -20.13
CA ALA A 123 -11.92 4.00 -20.91
C ALA A 123 -12.01 4.21 -22.42
N ALA A 124 -12.55 5.35 -22.84
CA ALA A 124 -12.69 5.64 -24.26
C ALA A 124 -11.61 6.61 -24.75
N ASN A 125 -10.65 6.91 -23.89
CA ASN A 125 -9.57 7.83 -24.26
C ASN A 125 -10.10 9.19 -24.65
N SER A 126 -11.12 9.69 -23.95
CA SER A 126 -11.68 10.99 -24.27
C SER A 126 -11.90 11.85 -23.04
N GLY A 127 -12.41 13.05 -23.27
CA GLY A 127 -12.70 13.96 -22.19
C GLY A 127 -14.18 13.91 -21.91
N ILE A 128 -14.66 14.86 -21.12
CA ILE A 128 -16.08 14.91 -20.79
C ILE A 128 -16.72 15.96 -21.70
N TYR A 129 -17.84 15.61 -22.30
CA TYR A 129 -18.51 16.54 -23.19
C TYR A 129 -19.97 16.13 -23.37
N ALA B 1 -22.60 10.80 -28.40
CA ALA B 1 -21.88 10.04 -27.31
C ALA B 1 -21.61 10.93 -26.08
N SER B 2 -22.31 12.07 -26.01
CA SER B 2 -22.17 13.01 -24.89
C SER B 2 -22.22 12.27 -23.56
N ASN B 3 -21.17 12.35 -22.77
CA ASN B 3 -21.16 11.67 -21.47
C ASN B 3 -21.33 12.63 -20.30
N PHE B 4 -21.46 13.93 -20.58
CA PHE B 4 -21.62 14.90 -19.51
C PHE B 4 -23.07 14.94 -19.04
N THR B 5 -23.47 13.91 -18.32
CA THR B 5 -24.83 13.78 -17.81
C THR B 5 -24.82 13.53 -16.31
N GLN B 6 -25.98 13.64 -15.68
CA GLN B 6 -26.05 13.42 -14.25
C GLN B 6 -25.96 11.94 -13.92
N PHE B 7 -25.53 11.64 -12.71
CA PHE B 7 -25.40 10.26 -12.26
C PHE B 7 -25.54 10.18 -10.75
N VAL B 8 -25.68 8.96 -10.25
CA VAL B 8 -25.79 8.73 -8.82
C VAL B 8 -24.40 8.61 -8.22
N LEU B 9 -24.07 9.52 -7.32
CA LEU B 9 -22.77 9.52 -6.66
C LEU B 9 -22.81 8.60 -5.45
N VAL B 10 -23.81 8.81 -4.59
CA VAL B 10 -23.96 7.98 -3.40
C VAL B 10 -25.23 7.14 -3.56
N ASP B 11 -25.03 5.84 -3.67
CA ASP B 11 -26.15 4.93 -3.84
C ASP B 11 -26.61 4.26 -2.55
N ASN B 12 -27.86 4.52 -2.20
CA ASN B 12 -28.46 3.92 -1.01
C ASN B 12 -29.65 3.06 -1.42
N GLY B 13 -29.62 2.59 -2.67
CA GLY B 13 -30.72 1.79 -3.17
C GLY B 13 -31.98 2.64 -3.21
N GLY B 14 -32.19 3.31 -4.35
CA GLY B 14 -33.35 4.18 -4.55
C GLY B 14 -33.63 5.26 -3.50
N THR B 15 -33.79 4.84 -2.25
CA THR B 15 -34.07 5.76 -1.15
C THR B 15 -32.84 6.40 -0.49
N GLY B 16 -32.82 7.74 -0.51
CA GLY B 16 -31.72 8.48 0.09
C GLY B 16 -30.52 8.61 -0.85
N ASP B 17 -30.72 8.27 -2.12
CA ASP B 17 -29.66 8.35 -3.12
C ASP B 17 -29.27 9.80 -3.38
N VAL B 18 -27.98 10.04 -3.59
CA VAL B 18 -27.50 11.38 -3.88
C VAL B 18 -27.16 11.46 -5.36
N THR B 19 -27.90 12.29 -6.08
CA THR B 19 -27.65 12.47 -7.50
C THR B 19 -26.87 13.76 -7.67
N VAL B 20 -25.97 13.75 -8.64
CA VAL B 20 -25.13 14.89 -8.90
C VAL B 20 -25.36 15.25 -10.38
N ALA B 21 -25.61 16.51 -10.67
CA ALA B 21 -25.89 16.94 -12.03
C ALA B 21 -25.00 18.05 -12.58
N PRO B 22 -24.83 18.10 -13.91
CA PRO B 22 -24.01 19.10 -14.60
C PRO B 22 -24.32 20.51 -14.10
N SER B 23 -23.28 21.24 -13.73
CA SER B 23 -23.49 22.59 -13.21
C SER B 23 -22.52 23.63 -13.78
N ASN B 24 -21.51 23.19 -14.50
CA ASN B 24 -20.57 24.14 -15.05
C ASN B 24 -19.65 23.46 -16.05
N PHE B 25 -19.21 24.21 -17.06
CA PHE B 25 -18.31 23.65 -18.06
C PHE B 25 -17.26 24.67 -18.51
N ALA B 26 -17.00 25.63 -17.63
CA ALA B 26 -16.02 26.68 -17.90
C ALA B 26 -14.59 26.15 -17.96
N ASN B 27 -13.90 26.46 -19.06
CA ASN B 27 -12.51 26.05 -19.28
C ASN B 27 -12.28 24.58 -19.49
N GLY B 28 -13.27 23.89 -20.04
CA GLY B 28 -13.11 22.46 -20.26
C GLY B 28 -13.26 21.62 -18.99
N VAL B 29 -13.28 22.28 -17.84
CA VAL B 29 -13.45 21.57 -16.58
C VAL B 29 -14.94 21.32 -16.35
N ALA B 30 -15.34 20.06 -16.35
CA ALA B 30 -16.73 19.69 -16.15
C ALA B 30 -17.02 19.66 -14.67
N GLU B 31 -18.21 20.12 -14.28
CA GLU B 31 -18.61 20.14 -12.89
C GLU B 31 -20.02 19.59 -12.67
N TRP B 32 -20.19 18.86 -11.57
CA TRP B 32 -21.46 18.29 -11.18
C TRP B 32 -21.64 18.63 -9.71
N ILE B 33 -22.84 19.02 -9.30
CA ILE B 33 -23.09 19.29 -7.88
C ILE B 33 -24.45 18.75 -7.51
N SER B 34 -24.64 18.49 -6.23
CA SER B 34 -25.92 18.01 -5.75
C SER B 34 -26.83 19.21 -5.56
N SER B 35 -28.11 18.94 -5.32
CA SER B 35 -29.08 19.99 -5.12
C SER B 35 -29.03 20.51 -3.69
N ASN B 36 -28.02 21.30 -3.39
CA ASN B 36 -27.80 21.88 -2.07
C ASN B 36 -27.19 23.26 -2.23
N SER B 37 -26.86 23.88 -1.11
CA SER B 37 -26.21 25.17 -1.13
C SER B 37 -24.78 24.73 -1.49
N ARG B 38 -23.98 25.60 -2.09
CA ARG B 38 -22.65 25.17 -2.46
C ARG B 38 -21.74 24.85 -1.28
N SER B 39 -22.13 25.31 -0.09
CA SER B 39 -21.35 25.05 1.10
C SER B 39 -21.62 23.65 1.62
N GLN B 40 -22.79 23.09 1.30
CA GLN B 40 -23.15 21.76 1.77
C GLN B 40 -23.31 20.75 0.64
N ALA B 41 -23.00 21.16 -0.58
CA ALA B 41 -23.15 20.29 -1.73
C ALA B 41 -22.09 19.23 -1.93
N TYR B 42 -22.42 18.27 -2.79
CA TYR B 42 -21.50 17.21 -3.18
C TYR B 42 -21.02 17.78 -4.49
N LYS B 43 -19.71 17.93 -4.64
CA LYS B 43 -19.19 18.48 -5.88
C LYS B 43 -18.21 17.51 -6.54
N VAL B 44 -18.24 17.48 -7.86
CA VAL B 44 -17.35 16.63 -8.62
C VAL B 44 -16.87 17.40 -9.84
N THR B 45 -15.55 17.42 -10.07
CA THR B 45 -15.00 18.10 -11.23
C THR B 45 -14.01 17.16 -11.92
N CYS B 46 -13.85 17.33 -13.22
CA CYS B 46 -12.96 16.47 -13.98
C CYS B 46 -12.43 17.15 -15.24
N SER B 47 -11.16 16.92 -15.54
CA SER B 47 -10.55 17.48 -16.73
C SER B 47 -9.39 16.61 -17.20
N VAL B 48 -9.02 16.73 -18.46
CA VAL B 48 -7.91 15.96 -19.03
C VAL B 48 -6.99 16.91 -19.75
N ARG B 49 -5.71 16.58 -19.76
CA ARG B 49 -4.72 17.39 -20.45
C ARG B 49 -3.52 16.52 -20.78
N GLN B 50 -2.72 16.99 -21.72
CA GLN B 50 -1.51 16.32 -22.12
C GLN B 50 -0.46 16.85 -21.15
N SER B 51 -0.25 16.15 -20.04
CA SER B 51 0.71 16.62 -19.04
C SER B 51 2.12 16.82 -19.59
N SER B 52 2.51 15.94 -20.50
CA SER B 52 3.83 16.02 -21.12
C SER B 52 3.76 15.33 -22.47
N ALA B 53 4.92 15.21 -23.10
CA ALA B 53 5.01 14.58 -24.43
C ALA B 53 4.64 13.10 -24.37
N GLN B 54 4.99 12.45 -23.27
CA GLN B 54 4.74 11.03 -23.10
C GLN B 54 3.42 10.68 -22.36
N ASN B 55 2.83 11.65 -21.65
CA ASN B 55 1.62 11.38 -20.88
C ASN B 55 0.41 12.30 -21.01
N ARG B 56 -0.74 11.74 -20.67
CA ARG B 56 -2.00 12.46 -20.60
C ARG B 56 -2.34 12.35 -19.12
N LYS B 57 -3.09 13.31 -18.59
CA LYS B 57 -3.42 13.25 -17.17
C LYS B 57 -4.82 13.73 -16.81
N TYR B 58 -5.57 12.86 -16.13
CA TYR B 58 -6.93 13.18 -15.66
C TYR B 58 -6.85 13.72 -14.25
N THR B 59 -7.51 14.84 -14.00
CA THR B 59 -7.54 15.42 -12.67
C THR B 59 -9.01 15.38 -12.23
N ILE B 60 -9.27 14.60 -11.19
CA ILE B 60 -10.62 14.43 -10.67
C ILE B 60 -10.67 14.90 -9.22
N LYS B 61 -11.62 15.78 -8.92
CA LYS B 61 -11.77 16.28 -7.56
C LYS B 61 -13.18 16.06 -7.06
N VAL B 62 -13.29 15.64 -5.79
CA VAL B 62 -14.57 15.40 -5.16
C VAL B 62 -14.62 16.09 -3.80
N GLU B 63 -15.77 16.66 -3.48
CA GLU B 63 -15.99 17.31 -2.20
C GLU B 63 -17.19 16.64 -1.57
N VAL B 64 -17.02 16.13 -0.36
CA VAL B 64 -18.09 15.45 0.36
C VAL B 64 -18.42 16.18 1.65
N PRO B 65 -19.70 16.49 1.89
CA PRO B 65 -20.09 17.20 3.11
C PRO B 65 -20.18 16.32 4.36
N LYS B 66 -19.86 16.88 5.52
CA LYS B 66 -19.99 16.13 6.76
C LYS B 66 -21.49 16.26 7.06
N VAL B 67 -22.17 15.12 7.20
CA VAL B 67 -23.60 15.14 7.43
C VAL B 67 -24.09 15.05 8.87
N ALA B 68 -23.38 14.32 9.73
CA ALA B 68 -23.79 14.18 11.12
C ALA B 68 -23.88 15.54 11.83
N THR B 69 -25.05 15.81 12.41
CA THR B 69 -25.36 17.06 13.12
C THR B 69 -25.41 18.28 12.21
N GLN B 70 -25.51 18.03 10.92
CA GLN B 70 -25.58 19.08 9.92
C GLN B 70 -26.92 19.81 10.00
N THR B 71 -26.92 21.11 9.76
CA THR B 71 -28.15 21.89 9.74
C THR B 71 -28.39 22.27 8.28
N VAL B 72 -29.34 21.60 7.64
CA VAL B 72 -29.63 21.85 6.24
C VAL B 72 -29.90 23.31 5.92
N GLY B 73 -29.11 23.86 5.01
CA GLY B 73 -29.27 25.24 4.59
C GLY B 73 -28.68 26.25 5.56
N GLY B 74 -28.07 25.77 6.64
CA GLY B 74 -27.50 26.67 7.62
C GLY B 74 -26.09 27.13 7.31
N VAL B 75 -25.59 28.08 8.10
CA VAL B 75 -24.24 28.58 7.92
C VAL B 75 -23.35 27.86 8.92
N GLU B 76 -22.47 27.00 8.42
CA GLU B 76 -21.59 26.22 9.27
C GLU B 76 -20.12 26.58 9.10
N LEU B 77 -19.54 27.17 10.14
CA LEU B 77 -18.13 27.55 10.15
C LEU B 77 -17.43 26.81 11.27
N PRO B 78 -16.14 26.50 11.11
CA PRO B 78 -15.33 26.82 9.93
C PRO B 78 -15.58 25.82 8.81
N VAL B 79 -15.43 26.27 7.58
CA VAL B 79 -15.65 25.43 6.41
C VAL B 79 -14.85 24.12 6.42
N ALA B 80 -13.60 24.19 6.88
CA ALA B 80 -12.73 23.03 6.90
C ALA B 80 -13.17 21.92 7.86
N ALA B 81 -14.10 22.24 8.75
CA ALA B 81 -14.58 21.25 9.71
C ALA B 81 -15.74 20.45 9.15
N TRP B 82 -16.39 20.98 8.11
CA TRP B 82 -17.55 20.35 7.53
C TRP B 82 -17.40 19.73 6.16
N ARG B 83 -16.17 19.65 5.65
CA ARG B 83 -15.98 19.08 4.32
C ARG B 83 -14.73 18.23 4.15
N SER B 84 -14.88 17.21 3.31
CA SER B 84 -13.79 16.29 3.01
C SER B 84 -13.43 16.53 1.55
N TYR B 85 -12.15 16.45 1.23
CA TYR B 85 -11.70 16.67 -0.13
C TYR B 85 -10.95 15.49 -0.72
N LEU B 86 -11.40 15.05 -1.89
CA LEU B 86 -10.76 13.95 -2.59
C LEU B 86 -10.03 14.56 -3.78
N ASN B 87 -8.79 14.17 -3.97
CA ASN B 87 -8.00 14.69 -5.06
C ASN B 87 -7.31 13.56 -5.81
N MET B 88 -7.81 13.26 -7.01
CA MET B 88 -7.27 12.18 -7.81
C MET B 88 -6.56 12.63 -9.08
N GLU B 89 -5.39 12.06 -9.31
CA GLU B 89 -4.64 12.35 -10.52
C GLU B 89 -4.29 11.02 -11.16
N LEU B 90 -4.69 10.88 -12.41
CA LEU B 90 -4.45 9.66 -13.15
C LEU B 90 -3.56 9.97 -14.34
N THR B 91 -2.37 9.41 -14.34
CA THR B 91 -1.41 9.61 -15.41
C THR B 91 -1.42 8.39 -16.33
N ILE B 92 -1.69 8.63 -17.61
CA ILE B 92 -1.74 7.55 -18.58
C ILE B 92 -0.83 7.85 -19.77
N PRO B 93 0.13 6.94 -20.05
CA PRO B 93 1.06 7.09 -21.17
C PRO B 93 0.29 7.09 -22.48
N ILE B 94 0.75 7.87 -23.46
CA ILE B 94 0.06 7.96 -24.74
C ILE B 94 -0.07 6.63 -25.50
N PHE B 95 0.66 5.62 -25.07
CA PHE B 95 0.60 4.33 -25.76
C PHE B 95 -0.55 3.45 -25.31
N ALA B 96 -1.23 3.85 -24.24
CA ALA B 96 -2.36 3.08 -23.71
C ALA B 96 -3.53 3.05 -24.68
N THR B 97 -4.03 1.84 -24.94
CA THR B 97 -5.17 1.67 -25.83
C THR B 97 -6.44 1.68 -24.99
N ASN B 98 -7.60 1.62 -25.63
CA ASN B 98 -8.84 1.62 -24.88
C ASN B 98 -8.88 0.41 -23.95
N SER B 99 -8.31 -0.70 -24.41
CA SER B 99 -8.26 -1.91 -23.59
C SER B 99 -7.42 -1.65 -22.37
N ASP B 100 -6.24 -1.06 -22.57
CA ASP B 100 -5.35 -0.75 -21.47
C ASP B 100 -6.08 0.13 -20.47
N CYS B 101 -6.80 1.12 -20.99
CA CYS B 101 -7.53 2.06 -20.16
C CYS B 101 -8.69 1.43 -19.41
N GLU B 102 -9.29 0.40 -20.01
CA GLU B 102 -10.39 -0.28 -19.35
C GLU B 102 -9.87 -1.03 -18.14
N LEU B 103 -8.66 -1.57 -18.25
CA LEU B 103 -8.03 -2.30 -17.17
C LEU B 103 -7.66 -1.35 -16.04
N ILE B 104 -7.23 -0.15 -16.38
CA ILE B 104 -6.87 0.86 -15.40
C ILE B 104 -8.10 1.27 -14.60
N VAL B 105 -9.25 1.27 -15.25
CA VAL B 105 -10.49 1.62 -14.56
C VAL B 105 -10.87 0.49 -13.61
N LYS B 106 -10.70 -0.75 -14.05
CA LYS B 106 -11.01 -1.90 -13.20
C LYS B 106 -10.14 -1.90 -11.95
N ALA B 107 -8.88 -1.49 -12.11
CA ALA B 107 -7.95 -1.43 -10.99
C ALA B 107 -8.46 -0.42 -9.96
N MET B 108 -8.99 0.70 -10.44
CA MET B 108 -9.52 1.73 -9.56
C MET B 108 -10.78 1.24 -8.84
N GLN B 109 -11.60 0.48 -9.56
CA GLN B 109 -12.82 -0.06 -8.97
C GLN B 109 -12.44 -1.09 -7.92
N GLY B 110 -11.48 -1.95 -8.24
CA GLY B 110 -11.04 -2.96 -7.30
C GLY B 110 -10.48 -2.37 -6.03
N LEU B 111 -9.68 -1.31 -6.19
CA LEU B 111 -9.08 -0.62 -5.06
C LEU B 111 -10.14 -0.20 -4.04
N LEU B 112 -11.26 0.31 -4.55
CA LEU B 112 -12.32 0.82 -3.70
C LEU B 112 -13.48 -0.12 -3.45
N LYS B 113 -13.40 -1.35 -3.95
CA LYS B 113 -14.50 -2.26 -3.73
C LYS B 113 -14.77 -2.53 -2.26
N ASP B 114 -16.05 -2.67 -1.95
CA ASP B 114 -16.51 -2.92 -0.61
C ASP B 114 -15.87 -4.15 0.03
N GLY B 115 -15.35 -3.98 1.23
CA GLY B 115 -14.73 -5.09 1.93
C GLY B 115 -13.21 -5.16 1.78
N ASN B 116 -12.66 -4.37 0.86
CA ASN B 116 -11.22 -4.36 0.66
C ASN B 116 -10.55 -3.45 1.70
N PRO B 117 -9.24 -3.64 1.91
CA PRO B 117 -8.47 -2.86 2.88
C PRO B 117 -8.68 -1.34 2.92
N ILE B 118 -8.31 -0.64 1.86
CA ILE B 118 -8.42 0.81 1.81
C ILE B 118 -9.80 1.37 2.17
N PRO B 119 -10.86 0.95 1.45
CA PRO B 119 -12.16 1.51 1.84
C PRO B 119 -12.58 1.15 3.26
N SER B 120 -12.19 -0.02 3.72
CA SER B 120 -12.54 -0.47 5.07
C SER B 120 -11.86 0.37 6.12
N ALA B 121 -10.61 0.76 5.87
CA ALA B 121 -9.85 1.56 6.81
C ALA B 121 -10.44 2.96 6.88
N ILE B 122 -10.72 3.53 5.71
CA ILE B 122 -11.27 4.88 5.63
C ILE B 122 -12.62 4.97 6.35
N ALA B 123 -13.49 4.01 6.09
CA ALA B 123 -14.81 3.98 6.68
C ALA B 123 -14.80 3.78 8.20
N ALA B 124 -13.68 3.32 8.74
CA ALA B 124 -13.58 3.08 10.16
C ALA B 124 -12.68 4.09 10.88
N ASN B 125 -12.37 5.20 10.22
CA ASN B 125 -11.50 6.22 10.81
C ASN B 125 -10.17 5.60 11.19
N SER B 126 -9.75 4.58 10.45
CA SER B 126 -8.52 3.87 10.73
C SER B 126 -7.44 3.97 9.67
N GLY B 127 -6.29 3.39 10.00
CA GLY B 127 -5.17 3.35 9.08
C GLY B 127 -5.01 1.87 8.82
N ILE B 128 -3.82 1.46 8.37
CA ILE B 128 -3.58 0.05 8.13
C ILE B 128 -2.93 -0.55 9.37
N TYR B 129 -3.32 -1.76 9.72
CA TYR B 129 -2.77 -2.42 10.90
C TYR B 129 -2.93 -3.94 10.81
N ALA C 1 -3.22 -10.00 7.73
CA ALA C 1 -1.91 -10.66 7.39
C ALA C 1 -0.71 -9.90 8.00
N SER C 2 0.30 -10.66 8.44
CA SER C 2 1.50 -10.07 9.03
C SER C 2 2.61 -11.08 9.23
N ASN C 3 3.84 -10.70 8.89
CA ASN C 3 4.96 -11.61 9.06
C ASN C 3 5.87 -11.05 10.16
N PHE C 4 5.47 -9.92 10.73
CA PHE C 4 6.23 -9.31 11.82
C PHE C 4 5.69 -9.96 13.08
N THR C 5 5.86 -11.27 13.13
CA THR C 5 5.38 -12.07 14.24
C THR C 5 6.50 -12.74 15.01
N GLN C 6 6.10 -13.39 16.09
CA GLN C 6 6.99 -14.12 16.97
C GLN C 6 7.41 -15.42 16.26
N PHE C 7 8.62 -15.89 16.53
CA PHE C 7 9.08 -17.13 15.92
C PHE C 7 10.25 -17.76 16.67
N VAL C 8 10.45 -19.05 16.44
CA VAL C 8 11.51 -19.80 17.08
C VAL C 8 12.84 -19.58 16.36
N LEU C 9 13.81 -19.01 17.08
CA LEU C 9 15.13 -18.77 16.52
C LEU C 9 16.01 -19.99 16.72
N VAL C 10 16.00 -20.53 17.93
CA VAL C 10 16.79 -21.72 18.23
C VAL C 10 15.80 -22.80 18.63
N ASP C 11 15.86 -23.93 17.94
CA ASP C 11 14.97 -25.04 18.21
C ASP C 11 15.64 -26.18 18.97
N ASN C 12 15.16 -26.45 20.18
CA ASN C 12 15.69 -27.53 21.02
C ASN C 12 14.51 -28.44 21.34
N GLY C 13 14.06 -29.17 20.32
CA GLY C 13 12.90 -30.02 20.53
C GLY C 13 11.77 -29.05 20.87
N GLY C 14 11.19 -29.20 22.06
CA GLY C 14 10.12 -28.29 22.44
C GLY C 14 10.49 -27.52 23.69
N THR C 15 11.57 -27.96 24.35
CA THR C 15 11.99 -27.31 25.59
C THR C 15 13.41 -26.73 25.53
N GLY C 16 13.50 -25.46 25.93
CA GLY C 16 14.78 -24.77 25.89
C GLY C 16 14.80 -23.96 24.61
N ASP C 17 13.71 -24.06 23.84
CA ASP C 17 13.55 -23.33 22.58
C ASP C 17 13.69 -21.84 22.81
N VAL C 18 14.46 -21.17 21.95
CA VAL C 18 14.61 -19.73 22.07
C VAL C 18 13.65 -19.05 21.11
N THR C 19 12.70 -18.31 21.67
CA THR C 19 11.71 -17.61 20.87
C THR C 19 12.01 -16.13 20.91
N VAL C 20 11.90 -15.52 19.74
CA VAL C 20 12.16 -14.10 19.62
C VAL C 20 10.82 -13.45 19.24
N ALA C 21 10.48 -12.34 19.88
CA ALA C 21 9.22 -11.65 19.59
C ALA C 21 9.41 -10.23 19.10
N PRO C 22 8.45 -9.73 18.31
CA PRO C 22 8.55 -8.36 17.79
C PRO C 22 8.76 -7.35 18.92
N SER C 23 9.54 -6.30 18.68
CA SER C 23 9.75 -5.33 19.72
C SER C 23 9.72 -3.90 19.18
N ASN C 24 10.21 -3.73 17.96
CA ASN C 24 10.25 -2.40 17.42
C ASN C 24 10.34 -2.43 15.91
N PHE C 25 9.77 -1.43 15.24
CA PHE C 25 9.83 -1.37 13.79
C PHE C 25 9.96 0.09 13.41
N ALA C 26 11.00 0.74 13.94
CA ALA C 26 11.25 2.15 13.66
C ALA C 26 12.22 2.35 12.49
N ASN C 27 11.94 3.36 11.67
CA ASN C 27 12.80 3.68 10.52
C ASN C 27 13.05 2.51 9.57
N GLY C 28 12.00 1.77 9.24
CA GLY C 28 12.16 0.66 8.33
C GLY C 28 13.05 -0.49 8.81
N VAL C 29 13.31 -0.54 10.11
CA VAL C 29 14.12 -1.64 10.66
C VAL C 29 13.29 -2.43 11.65
N ALA C 30 12.98 -3.67 11.30
CA ALA C 30 12.20 -4.54 12.17
C ALA C 30 13.14 -5.19 13.18
N GLU C 31 12.66 -5.31 14.42
CA GLU C 31 13.47 -5.89 15.48
C GLU C 31 12.69 -6.91 16.31
N TRP C 32 13.39 -7.99 16.65
CA TRP C 32 12.82 -9.07 17.46
C TRP C 32 13.78 -9.29 18.63
N ILE C 33 13.23 -9.52 19.83
CA ILE C 33 14.04 -9.76 21.03
C ILE C 33 13.46 -10.93 21.80
N SER C 34 14.32 -11.70 22.46
CA SER C 34 13.83 -12.83 23.24
C SER C 34 13.37 -12.26 24.59
N SER C 35 12.61 -13.02 25.37
CA SER C 35 12.12 -12.51 26.64
C SER C 35 13.15 -12.45 27.77
N ASN C 36 12.76 -11.80 28.86
CA ASN C 36 13.59 -11.57 30.05
C ASN C 36 14.60 -10.46 29.84
N SER C 37 15.54 -10.32 30.75
CA SER C 37 16.55 -9.26 30.66
C SER C 37 17.01 -8.92 29.26
N ARG C 38 16.81 -7.68 28.85
CA ARG C 38 17.22 -7.21 27.54
C ARG C 38 18.73 -7.43 27.41
N SER C 39 19.42 -7.38 28.54
CA SER C 39 20.87 -7.57 28.59
C SER C 39 21.33 -8.97 28.21
N GLN C 40 20.48 -9.97 28.41
CA GLN C 40 20.82 -11.35 28.09
C GLN C 40 20.01 -11.88 26.92
N ALA C 41 19.29 -11.00 26.24
CA ALA C 41 18.41 -11.41 25.15
C ALA C 41 19.04 -11.62 23.78
N TYR C 42 18.36 -12.43 22.98
CA TYR C 42 18.78 -12.68 21.61
C TYR C 42 18.14 -11.55 20.81
N LYS C 43 18.82 -11.09 19.77
CA LYS C 43 18.31 -10.01 18.97
C LYS C 43 18.39 -10.31 17.48
N VAL C 44 17.35 -9.92 16.75
CA VAL C 44 17.30 -10.12 15.31
C VAL C 44 16.74 -8.84 14.69
N THR C 45 17.39 -8.34 13.65
CA THR C 45 16.89 -7.16 12.96
C THR C 45 16.89 -7.41 11.46
N CYS C 46 15.99 -6.74 10.76
CA CYS C 46 15.86 -6.92 9.33
C CYS C 46 15.32 -5.67 8.62
N SER C 47 15.78 -5.44 7.40
CA SER C 47 15.32 -4.30 6.62
C SER C 47 15.61 -4.51 5.14
N VAL C 48 14.84 -3.82 4.29
CA VAL C 48 15.02 -3.89 2.85
C VAL C 48 15.07 -2.47 2.31
N ARG C 49 15.80 -2.28 1.23
CA ARG C 49 15.90 -0.97 0.62
C ARG C 49 16.30 -1.14 -0.83
N GLN C 50 15.99 -0.13 -1.62
CA GLN C 50 16.34 -0.12 -3.03
C GLN C 50 17.79 0.37 -3.02
N SER C 51 18.74 -0.57 -3.03
CA SER C 51 20.16 -0.22 -2.98
C SER C 51 20.62 0.57 -4.20
N SER C 52 20.00 0.29 -5.34
CA SER C 52 20.33 1.00 -6.57
C SER C 52 19.13 0.87 -7.48
N ALA C 53 19.28 1.38 -8.69
CA ALA C 53 18.19 1.34 -9.67
C ALA C 53 17.69 -0.09 -9.90
N GLN C 54 18.61 -1.04 -10.03
CA GLN C 54 18.22 -2.41 -10.31
C GLN C 54 18.22 -3.36 -9.12
N ASN C 55 18.73 -2.92 -7.97
CA ASN C 55 18.77 -3.82 -6.82
C ASN C 55 18.04 -3.44 -5.57
N ARG C 56 17.57 -4.47 -4.89
CA ARG C 56 16.93 -4.34 -3.61
C ARG C 56 17.92 -5.07 -2.71
N LYS C 57 18.09 -4.60 -1.49
CA LYS C 57 19.06 -5.21 -0.61
C LYS C 57 18.57 -5.45 0.82
N TYR C 58 18.62 -6.71 1.25
CA TYR C 58 18.22 -7.07 2.60
C TYR C 58 19.43 -7.02 3.52
N THR C 59 19.23 -6.50 4.73
CA THR C 59 20.29 -6.43 5.73
C THR C 59 19.72 -7.11 6.97
N ILE C 60 20.29 -8.25 7.33
CA ILE C 60 19.82 -9.04 8.47
C ILE C 60 20.93 -9.18 9.50
N LYS C 61 20.56 -9.06 10.78
CA LYS C 61 21.53 -9.17 11.87
C LYS C 61 20.99 -10.01 13.00
N VAL C 62 21.86 -10.85 13.55
CA VAL C 62 21.49 -11.71 14.67
C VAL C 62 22.56 -11.61 15.74
N GLU C 63 22.13 -11.67 17.00
CA GLU C 63 23.02 -11.62 18.15
C GLU C 63 22.76 -12.79 19.06
N VAL C 64 23.80 -13.61 19.30
CA VAL C 64 23.67 -14.75 20.19
C VAL C 64 24.48 -14.41 21.43
N PRO C 65 23.81 -14.32 22.58
CA PRO C 65 24.49 -13.98 23.83
C PRO C 65 24.98 -15.19 24.62
N LYS C 66 25.99 -14.95 25.44
CA LYS C 66 26.52 -15.96 26.32
C LYS C 66 26.05 -15.51 27.69
N VAL C 67 24.93 -16.08 28.13
CA VAL C 67 24.32 -15.73 29.41
C VAL C 67 25.22 -15.98 30.62
N ALA C 68 25.41 -14.94 31.42
CA ALA C 68 26.24 -15.02 32.62
C ALA C 68 25.77 -14.03 33.68
N THR C 69 26.30 -14.18 34.90
CA THR C 69 25.96 -13.28 36.00
C THR C 69 27.17 -12.44 36.36
N GLN C 70 27.01 -11.13 36.38
CA GLN C 70 28.15 -10.27 36.73
C GLN C 70 28.05 -9.81 38.17
N THR C 71 29.13 -10.03 38.92
CA THR C 71 29.13 -9.60 40.31
C THR C 71 30.23 -8.57 40.53
N VAL C 72 29.84 -7.42 41.06
CA VAL C 72 30.76 -6.33 41.32
C VAL C 72 30.33 -5.62 42.60
N GLY C 73 31.25 -5.59 43.58
CA GLY C 73 30.93 -4.96 44.84
C GLY C 73 29.86 -5.75 45.55
N GLY C 74 29.71 -7.02 45.19
CA GLY C 74 28.69 -7.84 45.84
C GLY C 74 27.33 -7.67 45.19
N VAL C 75 27.27 -6.80 44.18
CA VAL C 75 26.03 -6.54 43.46
C VAL C 75 26.06 -7.39 42.19
N GLU C 76 25.10 -8.29 42.02
CA GLU C 76 25.09 -9.10 40.80
C GLU C 76 23.96 -8.74 39.83
N LEU C 77 24.35 -8.59 38.56
CA LEU C 77 23.44 -8.24 37.47
C LEU C 77 23.44 -9.31 36.39
N PRO C 78 22.29 -9.48 35.71
CA PRO C 78 22.18 -10.46 34.63
C PRO C 78 22.82 -9.78 33.43
N VAL C 79 23.85 -10.39 32.86
CA VAL C 79 24.51 -9.80 31.72
C VAL C 79 24.84 -10.86 30.68
N ALA C 80 25.58 -10.44 29.66
CA ALA C 80 26.03 -11.34 28.61
C ALA C 80 27.55 -11.27 28.70
N ALA C 81 28.17 -12.42 28.95
CA ALA C 81 29.63 -12.51 29.06
C ALA C 81 30.22 -11.94 27.77
N TRP C 82 29.62 -12.31 26.65
CA TRP C 82 30.03 -11.83 25.33
C TRP C 82 28.90 -12.16 24.36
N ARG C 83 29.05 -11.70 23.13
CA ARG C 83 28.05 -11.93 22.10
C ARG C 83 28.67 -12.33 20.78
N SER C 84 27.95 -13.18 20.07
CA SER C 84 28.37 -13.63 18.75
C SER C 84 27.54 -12.78 17.79
N TYR C 85 28.17 -12.23 16.75
CA TYR C 85 27.46 -11.38 15.81
C TYR C 85 27.33 -11.91 14.39
N LEU C 86 26.10 -11.97 13.90
CA LEU C 86 25.84 -12.42 12.54
C LEU C 86 25.42 -11.23 11.71
N ASN C 87 26.07 -11.05 10.56
CA ASN C 87 25.76 -9.94 9.69
C ASN C 87 25.62 -10.34 8.24
N MET C 88 24.40 -10.35 7.71
CA MET C 88 24.26 -10.71 6.31
C MET C 88 23.51 -9.72 5.44
N GLU C 89 24.01 -9.59 4.22
CA GLU C 89 23.44 -8.71 3.21
C GLU C 89 23.10 -9.53 1.98
N LEU C 90 21.85 -9.44 1.54
CA LEU C 90 21.41 -10.18 0.37
C LEU C 90 20.95 -9.22 -0.70
N THR C 91 21.59 -9.26 -1.86
CA THR C 91 21.23 -8.39 -2.97
C THR C 91 20.46 -9.17 -4.03
N ILE C 92 19.30 -8.64 -4.40
CA ILE C 92 18.45 -9.28 -5.40
C ILE C 92 17.95 -8.29 -6.45
N PRO C 93 18.28 -8.53 -7.73
CA PRO C 93 17.87 -7.70 -8.86
C PRO C 93 16.34 -7.65 -8.94
N ILE C 94 15.79 -6.55 -9.45
CA ILE C 94 14.34 -6.40 -9.55
C ILE C 94 13.70 -7.30 -10.60
N PHE C 95 14.53 -8.02 -11.35
CA PHE C 95 14.02 -8.90 -12.39
C PHE C 95 13.70 -10.27 -11.82
N ALA C 96 14.08 -10.49 -10.56
CA ALA C 96 13.83 -11.77 -9.91
C ALA C 96 12.35 -11.97 -9.66
N THR C 97 11.86 -13.15 -10.03
CA THR C 97 10.47 -13.47 -9.83
C THR C 97 10.35 -14.20 -8.49
N ASN C 98 9.13 -14.49 -8.06
CA ASN C 98 8.95 -15.19 -6.80
C ASN C 98 9.65 -16.54 -6.86
N SER C 99 9.72 -17.10 -8.07
CA SER C 99 10.39 -18.38 -8.26
C SER C 99 11.87 -18.21 -8.04
N ASP C 100 12.44 -17.16 -8.62
CA ASP C 100 13.86 -16.90 -8.46
C ASP C 100 14.21 -16.68 -6.99
N CYS C 101 13.31 -16.02 -6.27
CA CYS C 101 13.54 -15.75 -4.86
C CYS C 101 13.48 -16.99 -4.01
N GLU C 102 12.58 -17.90 -4.35
CA GLU C 102 12.46 -19.14 -3.61
C GLU C 102 13.72 -19.96 -3.77
N LEU C 103 14.34 -19.83 -4.94
CA LEU C 103 15.56 -20.57 -5.24
C LEU C 103 16.66 -20.01 -4.35
N ILE C 104 16.75 -18.69 -4.28
CA ILE C 104 17.74 -18.01 -3.48
C ILE C 104 17.63 -18.44 -2.02
N VAL C 105 16.39 -18.61 -1.55
CA VAL C 105 16.17 -19.02 -0.17
C VAL C 105 16.63 -20.47 0.04
N LYS C 106 16.38 -21.35 -0.92
CA LYS C 106 16.81 -22.73 -0.76
C LYS C 106 18.33 -22.80 -0.74
N ALA C 107 18.98 -21.89 -1.46
CA ALA C 107 20.43 -21.86 -1.50
C ALA C 107 20.95 -21.52 -0.11
N MET C 108 20.28 -20.58 0.56
CA MET C 108 20.70 -20.18 1.89
C MET C 108 20.47 -21.29 2.91
N GLN C 109 19.35 -21.98 2.79
CA GLN C 109 19.03 -23.07 3.71
C GLN C 109 20.00 -24.24 3.48
N GLY C 110 20.33 -24.48 2.22
CA GLY C 110 21.25 -25.55 1.87
C GLY C 110 22.64 -25.27 2.39
N LEU C 111 23.07 -24.03 2.24
CA LEU C 111 24.38 -23.61 2.71
C LEU C 111 24.58 -23.94 4.19
N LEU C 112 23.51 -23.81 4.98
CA LEU C 112 23.58 -24.06 6.41
C LEU C 112 23.03 -25.38 6.91
N LYS C 113 22.62 -26.25 6.01
CA LYS C 113 22.06 -27.55 6.43
C LYS C 113 23.07 -28.40 7.21
N ASP C 114 22.56 -29.14 8.19
CA ASP C 114 23.45 -29.98 8.99
C ASP C 114 24.24 -30.98 8.16
N GLY C 115 25.53 -31.06 8.45
CA GLY C 115 26.39 -31.99 7.73
C GLY C 115 27.15 -31.34 6.61
N ASN C 116 26.68 -30.19 6.13
CA ASN C 116 27.37 -29.54 5.05
C ASN C 116 28.61 -28.86 5.58
N PRO C 117 29.63 -28.67 4.72
CA PRO C 117 30.90 -28.05 5.05
C PRO C 117 30.92 -26.86 6.01
N ILE C 118 30.23 -25.78 5.65
CA ILE C 118 30.24 -24.59 6.46
C ILE C 118 29.63 -24.67 7.87
N PRO C 119 28.41 -25.17 8.00
CA PRO C 119 27.88 -25.23 9.37
C PRO C 119 28.74 -26.15 10.24
N SER C 120 29.32 -27.18 9.61
CA SER C 120 30.17 -28.13 10.32
C SER C 120 31.45 -27.47 10.82
N ALA C 121 32.05 -26.65 9.99
CA ALA C 121 33.28 -25.96 10.36
C ALA C 121 33.01 -25.06 11.55
N ILE C 122 31.97 -24.23 11.44
CA ILE C 122 31.59 -23.30 12.49
C ILE C 122 31.29 -23.98 13.82
N ALA C 123 30.47 -25.02 13.78
CA ALA C 123 30.08 -25.75 14.98
C ALA C 123 31.25 -26.40 15.69
N ALA C 124 32.34 -26.64 14.96
CA ALA C 124 33.51 -27.28 15.53
C ALA C 124 34.67 -26.31 15.76
N ASN C 125 34.38 -25.01 15.79
CA ASN C 125 35.42 -24.02 16.01
C ASN C 125 36.52 -24.15 14.97
N SER C 126 36.17 -24.60 13.76
CA SER C 126 37.16 -24.82 12.73
C SER C 126 37.00 -23.99 11.47
N GLY C 127 37.92 -24.21 10.54
CA GLY C 127 37.90 -23.55 9.26
C GLY C 127 37.72 -24.65 8.23
N ILE C 128 38.16 -24.42 7.01
CA ILE C 128 38.05 -25.44 5.98
C ILE C 128 39.36 -26.21 5.90
N TYR C 129 39.27 -27.50 5.61
CA TYR C 129 40.46 -28.34 5.52
C TYR C 129 40.16 -29.60 4.71
#